data_5FPK
#
_entry.id   5FPK
#
_cell.length_a   40.302
_cell.length_b   60.578
_cell.length_c   87.447
_cell.angle_alpha   90.00
_cell.angle_beta   90.00
_cell.angle_gamma   90.00
#
_symmetry.space_group_name_H-M   'P 21 21 21'
#
loop_
_entity.id
_entity.type
_entity.pdbx_description
1 polymer 'DNA REPAIR AND RECOMBINATION PROTEIN RADA'
2 polymer 'FHTG PEPTIDE'
3 non-polymer 'PHOSPHATE ION'
4 water water
#
loop_
_entity_poly.entity_id
_entity_poly.type
_entity_poly.pdbx_seq_one_letter_code
_entity_poly.pdbx_strand_id
1 'polypeptide(L)'
;MATIGRISTGSKSLDKLLGGGIETQAITEVFGEFGSGKTQLAHTLAVMVQLPPEEGGLNGSVIWIDTENTFRPERIREIA
QNRGLDPDEVLKHIYVARAFNSNHQMLLVQQAEDKIKELLNTDRPVKLLIVDSLTSHFRSEYIGRGALAERQQKLAKHLA
DLHRLANLYDIAVFVTNQVQANGGHILAHSATLRVYLRKGKGGKRIARLIDAPHLPEGEAVFSITEKGIED
;
A
2 'polypeptide(L)' (ACE)FATA(NH2) C
#
# COMPACT_ATOMS: atom_id res chain seq x y z
N ALA A 2 -4.07 -10.73 18.19
CA ALA A 2 -5.15 -10.72 17.22
C ALA A 2 -4.73 -11.54 16.01
N THR A 3 -5.65 -12.35 15.52
CA THR A 3 -5.43 -13.11 14.30
C THR A 3 -5.30 -12.14 13.12
N ILE A 4 -4.45 -12.47 12.15
CA ILE A 4 -4.27 -11.55 11.05
C ILE A 4 -5.46 -11.63 10.12
N GLY A 5 -5.62 -10.60 9.28
CA GLY A 5 -6.56 -10.59 8.19
C GLY A 5 -5.84 -10.50 6.84
N ARG A 6 -6.60 -10.77 5.79
N ARG A 6 -6.58 -10.75 5.76
CA ARG A 6 -6.12 -10.70 4.43
CA ARG A 6 -6.02 -10.71 4.42
C ARG A 6 -6.99 -9.71 3.67
C ARG A 6 -6.94 -9.94 3.47
N ILE A 7 -6.37 -9.01 2.72
CA ILE A 7 -7.10 -8.18 1.74
C ILE A 7 -6.80 -8.69 0.34
N SER A 8 -7.83 -9.12 -0.38
CA SER A 8 -7.67 -9.50 -1.76
C SER A 8 -7.25 -8.30 -2.60
N THR A 9 -6.40 -8.56 -3.57
CA THR A 9 -5.94 -7.55 -4.50
C THR A 9 -6.87 -7.40 -5.70
N GLY A 10 -7.81 -8.31 -5.89
CA GLY A 10 -8.63 -8.34 -7.07
C GLY A 10 -8.15 -9.28 -8.15
N SER A 11 -6.89 -9.72 -8.09
CA SER A 11 -6.32 -10.68 -9.02
C SER A 11 -6.16 -12.00 -8.28
N LYS A 12 -6.78 -13.07 -8.80
CA LYS A 12 -6.58 -14.39 -8.18
C LYS A 12 -5.12 -14.82 -8.27
N SER A 13 -4.44 -14.44 -9.35
CA SER A 13 -3.05 -14.80 -9.52
C SER A 13 -2.18 -14.12 -8.46
N LEU A 14 -2.33 -12.81 -8.31
CA LEU A 14 -1.56 -12.11 -7.31
C LEU A 14 -1.95 -12.56 -5.89
N ASP A 15 -3.24 -12.82 -5.66
CA ASP A 15 -3.68 -13.32 -4.37
C ASP A 15 -2.99 -14.64 -4.04
N LYS A 16 -2.88 -15.54 -5.01
CA LYS A 16 -2.20 -16.82 -4.72
C LYS A 16 -0.74 -16.60 -4.39
N LEU A 17 -0.07 -15.73 -5.13
CA LEU A 17 1.33 -15.40 -4.83
C LEU A 17 1.47 -14.90 -3.39
N LEU A 18 0.48 -14.17 -2.90
CA LEU A 18 0.48 -13.56 -1.58
C LEU A 18 -0.17 -14.43 -0.50
N GLY A 19 -0.56 -15.66 -0.82
CA GLY A 19 -1.22 -16.49 0.18
C GLY A 19 -2.63 -16.09 0.52
N GLY A 20 -3.30 -15.36 -0.35
CA GLY A 20 -4.67 -14.92 -0.13
C GLY A 20 -4.88 -13.43 -0.28
N GLY A 21 -3.81 -12.67 -0.21
CA GLY A 21 -3.89 -11.23 -0.25
C GLY A 21 -2.87 -10.60 0.67
N ILE A 22 -2.84 -9.27 0.76
CA ILE A 22 -1.90 -8.65 1.67
C ILE A 22 -2.38 -8.82 3.10
N GLU A 23 -1.44 -8.93 4.02
CA GLU A 23 -1.72 -9.26 5.41
C GLU A 23 -1.81 -8.03 6.29
N THR A 24 -2.72 -8.08 7.25
CA THR A 24 -2.64 -7.14 8.36
C THR A 24 -1.47 -7.52 9.25
N GLN A 25 -1.10 -6.61 10.14
CA GLN A 25 0.06 -6.81 11.02
C GLN A 25 1.34 -7.06 10.21
N ALA A 26 1.45 -6.38 9.08
CA ALA A 26 2.58 -6.52 8.18
C ALA A 26 2.70 -5.27 7.34
N ILE A 27 3.93 -5.02 6.86
CA ILE A 27 4.18 -4.02 5.84
C ILE A 27 4.53 -4.75 4.55
N THR A 28 3.71 -4.55 3.54
CA THR A 28 3.98 -5.07 2.21
C THR A 28 4.51 -3.92 1.37
N GLU A 29 5.71 -4.08 0.82
CA GLU A 29 6.32 -3.10 -0.07
C GLU A 29 6.23 -3.62 -1.49
N VAL A 30 5.69 -2.82 -2.38
N VAL A 30 5.69 -2.82 -2.38
CA VAL A 30 5.80 -3.08 -3.81
CA VAL A 30 5.80 -3.08 -3.81
C VAL A 30 6.83 -2.12 -4.36
C VAL A 30 6.83 -2.12 -4.36
N PHE A 31 7.74 -2.64 -5.18
CA PHE A 31 8.79 -1.82 -5.76
C PHE A 31 8.95 -2.17 -7.23
N GLY A 32 9.41 -1.20 -8.00
CA GLY A 32 9.56 -1.36 -9.42
C GLY A 32 9.69 0.00 -10.08
N GLU A 33 9.90 -0.05 -11.40
CA GLU A 33 10.14 1.17 -12.16
C GLU A 33 8.89 2.04 -12.23
N PHE A 34 9.08 3.30 -12.59
CA PHE A 34 7.96 4.16 -12.90
C PHE A 34 7.06 3.46 -13.90
N GLY A 35 5.75 3.54 -13.66
CA GLY A 35 4.78 2.97 -14.57
C GLY A 35 4.51 1.49 -14.39
N SER A 36 5.10 0.85 -13.39
CA SER A 36 4.88 -0.58 -13.22
CA SER A 36 4.89 -0.58 -13.16
C SER A 36 3.50 -0.92 -12.67
N GLY A 37 2.77 0.03 -12.11
CA GLY A 37 1.46 -0.23 -11.57
C GLY A 37 1.34 -0.20 -10.04
N LYS A 38 2.36 0.28 -9.34
CA LYS A 38 2.32 0.27 -7.88
C LYS A 38 1.14 1.06 -7.35
N THR A 39 0.92 2.25 -7.91
CA THR A 39 -0.18 3.10 -7.46
C THR A 39 -1.53 2.54 -7.89
N GLN A 40 -1.60 1.85 -9.03
CA GLN A 40 -2.84 1.15 -9.40
C GLN A 40 -3.22 0.10 -8.38
N LEU A 41 -2.23 -0.65 -7.89
CA LEU A 41 -2.47 -1.63 -6.84
C LEU A 41 -2.95 -0.96 -5.57
N ALA A 42 -2.34 0.17 -5.19
CA ALA A 42 -2.78 0.91 -4.00
C ALA A 42 -4.24 1.36 -4.13
N HIS A 43 -4.61 1.95 -5.29
CA HIS A 43 -6.01 2.35 -5.48
C HIS A 43 -6.96 1.16 -5.41
N THR A 44 -6.55 0.03 -5.99
CA THR A 44 -7.42 -1.16 -5.97
C THR A 44 -7.62 -1.67 -4.55
N LEU A 45 -6.53 -1.76 -3.77
CA LEU A 45 -6.63 -2.22 -2.39
C LEU A 45 -7.50 -1.30 -1.55
N ALA A 46 -7.43 0.02 -1.80
CA ALA A 46 -8.25 0.97 -1.05
C ALA A 46 -9.74 0.76 -1.27
N VAL A 47 -10.13 0.10 -2.35
CA VAL A 47 -11.51 -0.31 -2.56
C VAL A 47 -11.76 -1.70 -2.01
N MET A 48 -10.88 -2.65 -2.33
CA MET A 48 -11.09 -4.04 -1.92
C MET A 48 -11.23 -4.18 -0.42
N VAL A 49 -10.44 -3.42 0.36
CA VAL A 49 -10.49 -3.56 1.80
C VAL A 49 -11.85 -3.22 2.37
N GLN A 50 -12.65 -2.44 1.64
CA GLN A 50 -13.95 -2.01 2.12
C GLN A 50 -15.03 -3.07 1.92
N LEU A 51 -14.74 -4.10 1.14
CA LEU A 51 -15.67 -5.20 0.92
C LEU A 51 -15.81 -6.02 2.19
N PRO A 52 -16.91 -6.75 2.33
CA PRO A 52 -17.06 -7.63 3.48
C PRO A 52 -16.10 -8.81 3.41
N PRO A 53 -15.84 -9.48 4.52
CA PRO A 53 -14.80 -10.51 4.54
C PRO A 53 -14.99 -11.65 3.55
N GLU A 54 -16.23 -12.10 3.36
CA GLU A 54 -16.46 -13.20 2.42
C GLU A 54 -16.20 -12.81 0.98
N GLU A 55 -16.05 -11.51 0.68
CA GLU A 55 -15.69 -11.03 -0.63
C GLU A 55 -14.23 -10.58 -0.72
N GLY A 56 -13.43 -10.86 0.31
CA GLY A 56 -12.01 -10.57 0.28
C GLY A 56 -11.60 -9.25 0.87
N GLY A 57 -12.51 -8.51 1.49
CA GLY A 57 -12.17 -7.32 2.22
C GLY A 57 -12.18 -7.54 3.72
N LEU A 58 -12.09 -6.42 4.45
CA LEU A 58 -12.12 -6.47 5.90
C LEU A 58 -13.10 -5.43 6.44
N ASN A 59 -14.07 -5.00 5.63
CA ASN A 59 -15.03 -3.98 6.05
CA ASN A 59 -15.04 -3.98 6.07
C ASN A 59 -14.31 -2.78 6.64
N GLY A 60 -13.22 -2.37 5.99
CA GLY A 60 -12.30 -1.44 6.60
C GLY A 60 -12.17 -0.09 5.96
N SER A 61 -11.71 0.87 6.75
CA SER A 61 -11.37 2.19 6.28
C SER A 61 -9.90 2.23 5.88
N VAL A 62 -9.51 3.34 5.25
CA VAL A 62 -8.19 3.48 4.64
C VAL A 62 -7.58 4.80 5.08
N ILE A 63 -6.31 4.75 5.48
CA ILE A 63 -5.46 5.94 5.65
CA ILE A 63 -5.50 5.96 5.62
C ILE A 63 -4.48 5.96 4.50
N TRP A 64 -4.34 7.11 3.84
CA TRP A 64 -3.49 7.23 2.66
C TRP A 64 -2.59 8.44 2.81
N ILE A 65 -1.27 8.20 2.87
CA ILE A 65 -0.26 9.24 2.89
C ILE A 65 0.30 9.35 1.47
N ASP A 66 -0.03 10.45 0.81
CA ASP A 66 0.29 10.68 -0.60
C ASP A 66 1.46 11.64 -0.65
N THR A 67 2.61 11.17 -1.16
CA THR A 67 3.78 12.03 -1.21
C THR A 67 4.07 12.60 -2.59
N GLU A 68 3.36 12.18 -3.63
CA GLU A 68 3.64 12.58 -5.01
C GLU A 68 2.41 13.17 -5.68
N ASN A 69 1.37 13.50 -4.90
CA ASN A 69 0.10 14.01 -5.45
C ASN A 69 -0.48 13.05 -6.49
N THR A 70 -0.42 11.74 -6.19
CA THR A 70 -0.87 10.71 -7.11
C THR A 70 -2.16 10.03 -6.70
N PHE A 71 -2.75 10.37 -5.55
CA PHE A 71 -4.08 9.86 -5.23
C PHE A 71 -5.10 10.47 -6.20
N ARG A 72 -5.91 9.61 -6.80
CA ARG A 72 -6.92 10.01 -7.78
C ARG A 72 -8.30 9.54 -7.34
N PRO A 73 -9.12 10.42 -6.74
CA PRO A 73 -10.49 10.00 -6.38
C PRO A 73 -11.28 9.47 -7.58
N GLU A 74 -11.03 9.96 -8.79
CA GLU A 74 -11.77 9.46 -9.95
C GLU A 74 -11.45 8.01 -10.24
N ARG A 75 -10.22 7.59 -9.95
CA ARG A 75 -9.87 6.18 -10.11
C ARG A 75 -10.56 5.32 -9.06
N ILE A 76 -10.63 5.79 -7.81
CA ILE A 76 -11.41 5.11 -6.80
C ILE A 76 -12.85 4.95 -7.28
N ARG A 77 -13.42 6.03 -7.80
CA ARG A 77 -14.81 6.00 -8.25
C ARG A 77 -15.02 4.95 -9.32
N GLU A 78 -14.11 4.87 -10.28
CA GLU A 78 -14.24 3.90 -11.35
C GLU A 78 -14.19 2.48 -10.81
N ILE A 79 -13.19 2.20 -9.98
CA ILE A 79 -13.01 0.86 -9.46
C ILE A 79 -14.23 0.46 -8.64
N ALA A 80 -14.69 1.36 -7.76
CA ALA A 80 -15.86 1.08 -6.94
C ALA A 80 -17.09 0.78 -7.79
N GLN A 81 -17.41 1.67 -8.75
CA GLN A 81 -18.63 1.45 -9.51
CA GLN A 81 -18.62 1.46 -9.53
C GLN A 81 -18.58 0.14 -10.28
N ASN A 82 -17.42 -0.23 -10.80
CA ASN A 82 -17.32 -1.46 -11.59
C ASN A 82 -17.24 -2.70 -10.72
N ARG A 83 -17.22 -2.55 -9.42
CA ARG A 83 -17.29 -3.67 -8.48
C ARG A 83 -18.60 -3.69 -7.70
N GLY A 84 -19.59 -2.92 -8.11
CA GLY A 84 -20.90 -2.95 -7.51
C GLY A 84 -21.07 -2.05 -6.30
N LEU A 85 -20.12 -1.15 -6.06
CA LEU A 85 -20.11 -0.35 -4.85
C LEU A 85 -20.45 1.10 -5.18
N ASP A 86 -20.90 1.81 -4.17
CA ASP A 86 -21.24 3.21 -4.33
C ASP A 86 -19.96 4.04 -4.26
N PRO A 87 -19.60 4.77 -5.31
CA PRO A 87 -18.32 5.48 -5.31
C PRO A 87 -18.18 6.51 -4.19
N ASP A 88 -19.23 7.25 -3.90
CA ASP A 88 -19.16 8.28 -2.87
C ASP A 88 -18.98 7.67 -1.48
N GLU A 89 -19.65 6.55 -1.21
CA GLU A 89 -19.47 5.87 0.08
C GLU A 89 -18.06 5.31 0.21
N VAL A 90 -17.52 4.72 -0.88
CA VAL A 90 -16.16 4.21 -0.84
C VAL A 90 -15.17 5.35 -0.57
N LEU A 91 -15.37 6.49 -1.22
CA LEU A 91 -14.47 7.62 -1.01
C LEU A 91 -14.54 8.13 0.43
N LYS A 92 -15.72 8.05 1.05
CA LYS A 92 -15.94 8.55 2.40
C LYS A 92 -15.01 7.87 3.40
N HIS A 93 -14.67 6.60 3.18
CA HIS A 93 -13.86 5.83 4.11
C HIS A 93 -12.39 5.81 3.75
N ILE A 94 -11.94 6.68 2.85
CA ILE A 94 -10.53 6.87 2.53
C ILE A 94 -10.13 8.25 3.05
N TYR A 95 -9.18 8.31 3.96
CA TYR A 95 -8.72 9.54 4.59
C TYR A 95 -7.31 9.82 4.11
N VAL A 96 -7.15 10.89 3.35
CA VAL A 96 -5.92 11.17 2.61
C VAL A 96 -5.23 12.41 3.18
N ALA A 97 -3.90 12.35 3.29
CA ALA A 97 -3.11 13.53 3.57
C ALA A 97 -1.93 13.57 2.61
N ARG A 98 -1.57 14.75 2.18
CA ARG A 98 -0.38 14.93 1.35
C ARG A 98 0.80 15.28 2.24
N ALA A 99 1.88 14.52 2.09
CA ALA A 99 3.11 14.78 2.83
C ALA A 99 3.98 15.77 2.05
N PHE A 100 4.30 16.90 2.69
CA PHE A 100 5.07 17.98 2.09
C PHE A 100 6.53 17.60 1.93
N ASN A 101 7.09 16.86 2.89
CA ASN A 101 8.50 16.46 2.89
C ASN A 101 8.59 15.24 3.83
N SER A 102 9.80 14.70 4.01
CA SER A 102 9.92 13.46 4.77
C SER A 102 9.63 13.66 6.25
N ASN A 103 9.97 14.83 6.79
CA ASN A 103 9.69 15.09 8.20
C ASN A 103 8.19 15.20 8.46
N HIS A 104 7.46 15.82 7.53
CA HIS A 104 6.01 15.87 7.60
C HIS A 104 5.43 14.48 7.43
N GLN A 105 5.97 13.70 6.49
CA GLN A 105 5.56 12.33 6.29
C GLN A 105 5.66 11.54 7.59
N MET A 106 6.72 11.76 8.35
CA MET A 106 6.91 11.05 9.61
C MET A 106 5.89 11.50 10.65
N LEU A 107 5.63 12.81 10.73
CA LEU A 107 4.62 13.29 11.65
C LEU A 107 3.24 12.76 11.29
N LEU A 108 2.96 12.62 9.99
CA LEU A 108 1.66 12.13 9.57
C LEU A 108 1.38 10.73 10.09
N VAL A 109 2.41 9.92 10.32
CA VAL A 109 2.19 8.61 10.91
C VAL A 109 1.63 8.74 12.32
N GLN A 110 2.13 9.72 13.08
N GLN A 110 2.12 9.73 13.07
CA GLN A 110 1.57 9.99 14.40
CA GLN A 110 1.57 9.99 14.40
C GLN A 110 0.12 10.49 14.30
C GLN A 110 0.12 10.50 14.31
N GLN A 111 -0.15 11.38 13.35
CA GLN A 111 -1.53 11.84 13.15
C GLN A 111 -2.41 10.66 12.74
N ALA A 112 -1.87 9.72 11.95
CA ALA A 112 -2.66 8.57 11.54
C ALA A 112 -3.14 7.78 12.75
N GLU A 113 -2.31 7.69 13.80
CA GLU A 113 -2.73 6.92 14.97
C GLU A 113 -3.97 7.51 15.62
N ASP A 114 -4.11 8.83 15.59
CA ASP A 114 -5.32 9.46 16.13
C ASP A 114 -6.56 9.05 15.33
N LYS A 115 -6.45 9.01 14.00
CA LYS A 115 -7.59 8.61 13.16
C LYS A 115 -7.91 7.14 13.36
N ILE A 116 -6.88 6.30 13.48
CA ILE A 116 -7.06 4.88 13.77
C ILE A 116 -7.83 4.70 15.07
N LYS A 117 -7.39 5.37 16.14
CA LYS A 117 -8.11 5.27 17.40
C LYS A 117 -9.56 5.74 17.25
N GLU A 118 -9.78 6.84 16.53
CA GLU A 118 -11.13 7.36 16.36
C GLU A 118 -12.05 6.31 15.74
N LEU A 119 -11.56 5.54 14.79
CA LEU A 119 -12.39 4.62 14.01
C LEU A 119 -12.40 3.20 14.56
N LEU A 120 -11.60 2.93 15.58
CA LEU A 120 -11.32 1.57 16.01
C LEU A 120 -12.58 0.82 16.38
N ASN A 121 -13.57 1.49 17.00
CA ASN A 121 -14.83 0.90 17.45
C ASN A 121 -15.99 1.15 16.51
N THR A 122 -15.75 1.79 15.39
CA THR A 122 -16.81 1.88 14.39
C THR A 122 -16.92 0.56 13.64
N ASP A 123 -17.93 0.49 12.77
CA ASP A 123 -18.11 -0.70 11.93
C ASP A 123 -17.09 -0.77 10.81
N ARG A 124 -16.29 0.27 10.61
CA ARG A 124 -15.29 0.32 9.55
C ARG A 124 -13.99 0.85 10.16
N PRO A 125 -13.36 0.07 11.04
CA PRO A 125 -12.03 0.45 11.55
C PRO A 125 -11.03 0.52 10.42
N VAL A 126 -9.96 1.29 10.62
CA VAL A 126 -8.89 1.31 9.63
C VAL A 126 -8.32 -0.10 9.51
N LYS A 127 -8.24 -0.58 8.27
CA LYS A 127 -7.60 -1.86 7.98
CA LYS A 127 -7.62 -1.86 7.97
C LYS A 127 -6.51 -1.76 6.93
N LEU A 128 -6.32 -0.62 6.31
CA LEU A 128 -5.31 -0.40 5.30
C LEU A 128 -4.71 0.97 5.50
N LEU A 129 -3.37 1.03 5.49
CA LEU A 129 -2.63 2.28 5.56
C LEU A 129 -1.64 2.27 4.41
N ILE A 130 -1.82 3.19 3.47
CA ILE A 130 -0.96 3.32 2.29
C ILE A 130 0.02 4.45 2.47
N VAL A 131 1.29 4.20 2.13
CA VAL A 131 2.28 5.27 1.96
C VAL A 131 2.80 5.18 0.53
N ASP A 132 2.46 6.17 -0.29
CA ASP A 132 2.76 6.16 -1.72
C ASP A 132 3.22 7.58 -2.06
N SER A 133 4.51 7.84 -2.23
CA SER A 133 5.65 6.93 -2.21
C SER A 133 6.33 6.92 -0.86
N LEU A 134 6.71 5.74 -0.40
CA LEU A 134 7.44 5.66 0.87
C LEU A 134 8.76 6.43 0.80
N THR A 135 9.45 6.33 -0.32
CA THR A 135 10.86 6.69 -0.39
C THR A 135 11.14 7.98 -1.15
N SER A 136 10.18 8.52 -1.89
CA SER A 136 10.50 9.64 -2.79
C SER A 136 11.10 10.84 -2.05
N HIS A 137 10.50 11.26 -0.93
CA HIS A 137 11.04 12.41 -0.19
C HIS A 137 12.39 12.09 0.42
N PHE A 138 12.57 10.87 0.92
CA PHE A 138 13.86 10.49 1.47
C PHE A 138 14.94 10.53 0.41
N ARG A 139 14.59 10.12 -0.82
CA ARG A 139 15.55 10.12 -1.93
C ARG A 139 15.95 11.53 -2.30
N SER A 140 15.00 12.47 -2.31
CA SER A 140 15.28 13.84 -2.69
CA SER A 140 15.37 13.81 -2.72
C SER A 140 16.11 14.56 -1.64
N GLU A 141 15.82 14.30 -0.35
CA GLU A 141 16.37 15.08 0.75
C GLU A 141 17.69 14.56 1.29
N TYR A 142 17.89 13.26 1.31
CA TYR A 142 19.10 12.64 1.88
C TYR A 142 19.90 12.11 0.70
N ILE A 143 20.88 12.89 0.28
CA ILE A 143 21.58 12.63 -0.97
C ILE A 143 23.00 13.15 -0.85
N GLY A 144 23.93 12.36 -1.36
CA GLY A 144 25.34 12.73 -1.36
C GLY A 144 26.09 12.03 -0.23
N ARG A 145 27.40 12.31 -0.14
CA ARG A 145 28.23 11.63 0.84
C ARG A 145 27.66 11.72 2.24
N GLY A 146 27.58 10.57 2.92
CA GLY A 146 26.97 10.45 4.23
C GLY A 146 25.48 10.14 4.21
N ALA A 147 24.83 10.30 3.09
CA ALA A 147 23.38 10.17 3.05
C ALA A 147 22.93 8.73 3.11
N LEU A 148 23.72 7.79 2.62
CA LEU A 148 23.25 6.41 2.63
C LEU A 148 22.92 5.98 4.06
N ALA A 149 23.85 6.20 4.99
CA ALA A 149 23.63 5.79 6.38
C ALA A 149 22.49 6.60 7.01
N GLU A 150 22.47 7.91 6.78
CA GLU A 150 21.47 8.73 7.45
C GLU A 150 20.09 8.42 6.91
N ARG A 151 19.97 8.32 5.58
CA ARG A 151 18.69 8.01 4.97
C ARG A 151 18.17 6.65 5.44
N GLN A 152 19.04 5.65 5.49
CA GLN A 152 18.63 4.33 5.90
C GLN A 152 18.17 4.31 7.34
N GLN A 153 18.83 5.08 8.20
CA GLN A 153 18.41 5.16 9.59
C GLN A 153 17.03 5.81 9.72
N LYS A 154 16.81 6.92 9.00
CA LYS A 154 15.54 7.62 9.09
C LYS A 154 14.41 6.78 8.49
N LEU A 155 14.69 6.11 7.38
CA LEU A 155 13.68 5.26 6.76
C LEU A 155 13.35 4.07 7.66
N ALA A 156 14.36 3.47 8.28
CA ALA A 156 14.11 2.36 9.19
C ALA A 156 13.24 2.79 10.38
N LYS A 157 13.47 3.99 10.91
CA LYS A 157 12.66 4.48 12.02
C LYS A 157 11.22 4.72 11.58
N HIS A 158 11.05 5.32 10.40
CA HIS A 158 9.72 5.50 9.83
C HIS A 158 9.02 4.17 9.64
N LEU A 159 9.72 3.17 9.11
CA LEU A 159 9.13 1.85 8.95
C LEU A 159 8.82 1.20 10.30
N ALA A 160 9.65 1.43 11.31
CA ALA A 160 9.34 0.93 12.64
C ALA A 160 8.04 1.53 13.17
N ASP A 161 7.85 2.83 12.97
CA ASP A 161 6.60 3.46 13.39
C ASP A 161 5.41 2.83 12.66
N LEU A 162 5.57 2.57 11.36
CA LEU A 162 4.52 1.93 10.59
C LEU A 162 4.28 0.49 11.05
N HIS A 163 5.34 -0.27 11.35
CA HIS A 163 5.16 -1.62 11.89
C HIS A 163 4.34 -1.58 13.16
N ARG A 164 4.62 -0.60 14.03
CA ARG A 164 3.87 -0.51 15.28
C ARG A 164 2.38 -0.31 15.00
N LEU A 165 2.03 0.59 14.06
CA LEU A 165 0.60 0.77 13.77
C LEU A 165 -0.01 -0.51 13.21
N ALA A 166 0.70 -1.16 12.28
CA ALA A 166 0.19 -2.41 11.70
C ALA A 166 -0.10 -3.44 12.77
N ASN A 167 0.82 -3.59 13.71
CA ASN A 167 0.77 -4.67 14.68
C ASN A 167 -0.14 -4.32 15.86
N LEU A 168 -0.17 -3.06 16.28
CA LEU A 168 -0.96 -2.68 17.43
C LEU A 168 -2.44 -2.58 17.11
N TYR A 169 -2.78 -2.18 15.89
CA TYR A 169 -4.17 -1.91 15.51
C TYR A 169 -4.69 -2.84 14.44
N ASP A 170 -3.95 -3.90 14.09
CA ASP A 170 -4.38 -4.91 13.13
C ASP A 170 -4.69 -4.27 11.77
N ILE A 171 -3.66 -3.69 11.17
CA ILE A 171 -3.76 -2.95 9.92
C ILE A 171 -2.77 -3.54 8.93
N ALA A 172 -3.16 -3.59 7.66
CA ALA A 172 -2.25 -3.90 6.57
C ALA A 172 -1.63 -2.60 6.09
N VAL A 173 -0.32 -2.48 6.19
CA VAL A 173 0.42 -1.33 5.69
C VAL A 173 0.95 -1.71 4.32
N PHE A 174 0.71 -0.84 3.34
CA PHE A 174 1.09 -1.07 1.94
C PHE A 174 1.88 0.16 1.47
N VAL A 175 3.12 -0.07 1.05
CA VAL A 175 4.02 1.03 0.71
C VAL A 175 4.60 0.80 -0.68
N THR A 176 4.87 1.91 -1.39
CA THR A 176 5.42 1.84 -2.74
C THR A 176 6.82 2.44 -2.76
N ASN A 177 7.65 1.92 -3.66
CA ASN A 177 9.04 2.37 -3.76
C ASN A 177 9.49 2.26 -5.21
N GLN A 178 9.81 3.39 -5.83
CA GLN A 178 10.25 3.41 -7.21
C GLN A 178 11.73 3.08 -7.28
N VAL A 179 12.07 2.09 -8.11
N VAL A 179 12.06 2.07 -8.05
CA VAL A 179 13.44 1.56 -8.19
CA VAL A 179 13.45 1.75 -8.26
C VAL A 179 13.79 1.33 -9.65
C VAL A 179 13.80 1.95 -9.72
N GLN A 180 15.03 1.68 -10.04
CA GLN A 180 15.50 1.63 -11.42
C GLN A 180 16.21 0.32 -11.65
N ALA A 181 16.53 0.06 -12.90
CA ALA A 181 17.50 -0.98 -13.26
C ALA A 181 17.24 -2.28 -12.50
N HIS A 185 19.69 -2.36 -5.01
CA HIS A 185 19.67 -3.75 -4.60
C HIS A 185 20.55 -4.00 -3.37
N ILE A 186 21.53 -3.13 -3.17
N ILE A 186 21.53 -3.13 -3.17
CA ILE A 186 22.47 -3.32 -2.06
CA ILE A 186 22.48 -3.33 -2.07
C ILE A 186 21.92 -2.87 -0.72
C ILE A 186 21.93 -2.84 -0.72
N LEU A 187 20.88 -2.03 -0.71
CA LEU A 187 20.40 -1.42 0.52
C LEU A 187 19.55 -2.38 1.33
N ALA A 188 19.63 -2.23 2.66
CA ALA A 188 18.74 -2.98 3.55
C ALA A 188 17.30 -2.48 3.42
N HIS A 189 16.37 -3.40 3.71
CA HIS A 189 14.95 -3.08 3.72
C HIS A 189 14.35 -3.74 4.95
N SER A 190 13.34 -3.10 5.55
CA SER A 190 12.71 -3.67 6.74
C SER A 190 11.21 -3.90 6.59
N ALA A 191 10.66 -3.81 5.37
CA ALA A 191 9.29 -4.25 5.15
C ALA A 191 9.18 -5.74 5.46
N THR A 192 7.95 -6.17 5.78
CA THR A 192 7.71 -7.59 6.04
C THR A 192 7.87 -8.41 4.78
N LEU A 193 7.28 -7.95 3.68
CA LEU A 193 7.23 -8.69 2.41
C LEU A 193 7.49 -7.69 1.30
N ARG A 194 8.35 -8.06 0.37
CA ARG A 194 8.71 -7.21 -0.76
C ARG A 194 8.28 -7.89 -2.06
N VAL A 195 7.54 -7.14 -2.88
CA VAL A 195 6.96 -7.63 -4.13
C VAL A 195 7.53 -6.76 -5.26
N TYR A 196 8.25 -7.38 -6.18
CA TYR A 196 8.80 -6.71 -7.35
C TYR A 196 7.76 -6.73 -8.45
N LEU A 197 7.40 -5.55 -8.93
CA LEU A 197 6.42 -5.38 -9.99
C LEU A 197 7.09 -4.85 -11.24
N ARG A 198 6.69 -5.36 -12.40
CA ARG A 198 7.20 -4.85 -13.67
CA ARG A 198 7.21 -4.86 -13.67
C ARG A 198 6.12 -4.91 -14.72
N LYS A 199 6.25 -4.06 -15.71
CA LYS A 199 5.28 -3.98 -16.79
C LYS A 199 5.66 -4.94 -17.91
N GLY A 200 4.67 -5.72 -18.34
CA GLY A 200 4.74 -6.44 -19.60
C GLY A 200 4.02 -5.65 -20.67
N LYS A 201 3.23 -6.29 -21.52
CA LYS A 201 2.65 -5.63 -22.70
C LYS A 201 1.32 -4.97 -22.38
N GLY A 202 1.14 -3.73 -22.85
CA GLY A 202 -0.13 -3.06 -22.66
C GLY A 202 -0.49 -2.95 -21.19
N GLY A 203 -1.65 -3.47 -20.82
CA GLY A 203 -2.08 -3.41 -19.43
C GLY A 203 -1.61 -4.53 -18.53
N LYS A 204 -0.68 -5.39 -19.00
CA LYS A 204 -0.21 -6.57 -18.27
C LYS A 204 0.96 -6.25 -17.34
N ARG A 205 0.93 -6.84 -16.16
CA ARG A 205 1.93 -6.61 -15.13
C ARG A 205 2.30 -7.94 -14.49
N ILE A 206 3.54 -8.04 -14.04
CA ILE A 206 4.11 -9.27 -13.51
C ILE A 206 4.66 -8.99 -12.12
N ALA A 207 4.34 -9.85 -11.16
CA ALA A 207 4.78 -9.70 -9.79
C ALA A 207 5.58 -10.91 -9.33
N ARG A 208 6.61 -10.67 -8.54
CA ARG A 208 7.42 -11.73 -7.98
C ARG A 208 7.75 -11.38 -6.53
N LEU A 209 7.72 -12.37 -5.66
CA LEU A 209 8.16 -12.16 -4.29
C LEU A 209 9.68 -12.17 -4.21
N ILE A 210 10.24 -11.26 -3.44
CA ILE A 210 11.69 -11.09 -3.34
C ILE A 210 12.12 -11.50 -1.95
N ASP A 211 13.10 -12.41 -1.88
CA ASP A 211 13.73 -12.81 -0.63
C ASP A 211 12.70 -13.40 0.32
N ALA A 212 11.80 -14.23 -0.22
CA ALA A 212 10.77 -14.92 0.55
C ALA A 212 10.80 -16.41 0.20
N PRO A 213 11.87 -17.12 0.56
CA PRO A 213 12.04 -18.52 0.12
C PRO A 213 10.98 -19.49 0.64
N HIS A 214 10.27 -19.13 1.69
CA HIS A 214 9.21 -19.95 2.27
C HIS A 214 7.88 -19.81 1.55
N LEU A 215 7.76 -18.83 0.64
CA LEU A 215 6.51 -18.48 -0.03
C LEU A 215 6.60 -18.80 -1.53
N PRO A 216 5.51 -18.67 -2.29
CA PRO A 216 5.53 -19.11 -3.69
C PRO A 216 6.65 -18.47 -4.49
N GLU A 217 7.35 -19.27 -5.30
CA GLU A 217 8.50 -18.80 -6.07
C GLU A 217 8.15 -18.45 -7.50
N GLY A 218 6.92 -18.71 -7.93
CA GLY A 218 6.49 -18.31 -9.24
C GLY A 218 6.27 -16.82 -9.42
N GLU A 219 5.54 -16.48 -10.44
CA GLU A 219 5.19 -15.11 -10.74
C GLU A 219 3.70 -15.01 -11.00
N ALA A 220 3.10 -13.95 -10.49
CA ALA A 220 1.71 -13.61 -10.77
C ALA A 220 1.66 -12.66 -11.94
N VAL A 221 0.58 -12.77 -12.71
CA VAL A 221 0.34 -11.91 -13.86
C VAL A 221 -1.08 -11.35 -13.74
N PHE A 222 -1.22 -10.06 -14.00
CA PHE A 222 -2.52 -9.42 -13.92
C PHE A 222 -2.58 -8.27 -14.88
N SER A 223 -3.78 -7.72 -15.04
CA SER A 223 -4.04 -6.59 -15.91
C SER A 223 -4.62 -5.44 -15.11
N ILE A 224 -4.30 -4.22 -15.57
CA ILE A 224 -4.91 -3.00 -15.08
C ILE A 224 -6.20 -2.80 -15.86
N THR A 225 -7.34 -2.74 -15.16
CA THR A 225 -8.63 -2.64 -15.83
C THR A 225 -9.50 -1.62 -15.09
N GLU A 226 -10.72 -1.46 -15.58
CA GLU A 226 -11.70 -0.60 -14.92
C GLU A 226 -12.11 -1.12 -13.54
N LYS A 227 -11.82 -2.38 -13.24
CA LYS A 227 -12.03 -2.95 -11.91
C LYS A 227 -10.81 -2.78 -10.99
N GLY A 228 -9.81 -2.01 -11.42
CA GLY A 228 -8.57 -1.89 -10.68
C GLY A 228 -7.54 -2.81 -11.28
N ILE A 229 -7.41 -4.00 -10.69
CA ILE A 229 -6.63 -5.06 -11.29
C ILE A 229 -7.47 -6.33 -11.31
N GLU A 230 -7.19 -7.19 -12.29
CA GLU A 230 -7.86 -8.46 -12.43
C GLU A 230 -6.90 -9.39 -13.13
N ASP A 231 -7.19 -10.67 -13.07
CA ASP A 231 -6.44 -11.61 -13.87
C ASP A 231 -6.61 -11.31 -15.36
N PHE B 2 -5.92 14.16 8.56
CA PHE B 2 -6.28 13.57 7.29
C PHE B 2 -7.64 14.11 6.91
N ALA B 3 -8.04 13.93 5.65
CA ALA B 3 -9.36 14.39 5.26
C ALA B 3 -10.04 13.34 4.40
N THR B 4 -11.33 13.14 4.65
CA THR B 4 -12.10 12.21 3.85
C THR B 4 -12.05 12.58 2.38
N ALA B 5 -11.95 11.56 1.54
CA ALA B 5 -11.97 11.73 0.11
C ALA B 5 -13.41 11.88 -0.40
#